data_7HRC
#
_entry.id   7HRC
#
_cell.length_a   99.308
_cell.length_b   99.305
_cell.length_c   128.539
_cell.angle_alpha   90.00
_cell.angle_beta   90.00
_cell.angle_gamma   90.00
#
_symmetry.space_group_name_H-M   'I 2 2 2'
#
loop_
_entity.id
_entity.type
_entity.pdbx_description
1 polymer 'Oleoyl-acyl carrier protein thioesterase 1, chloroplastic'
2 non-polymer '(2-HYDROXYPHENYL)ACETIC ACID'
3 non-polymer 'SULFATE ION'
4 water water
#
_entity_poly.entity_id   1
_entity_poly.type   'polypeptide(L)'
_entity_poly.pdbx_seq_one_letter_code
;MGSLTEDGLSYKEKFVVRSYEVGSNKTATVETIANLLQEVGCNHAQSVGFSTDGFATTTTMRKLHLIWVTARMHIEIYKY
PAWGDVVEIETWCQSEGRIGTRRDWILKDSVTGEVTGRATSKWVMMNQDTRRLQKVSDDVRDEYLVFCPQEPRLAFPEEN
NRSLKKIPKLEDPAQYSMIGLKPRRADLDMNQHVNNVTYIGWVLESIPQEIVDTHELQVITLDYRRECQQDDVVDSLTTT
TSEIGGTNGSATSGTQGHNDSQFLHLLRLSGDGQEINRGTTLWRKKPSSHHHHHH
;
_entity_poly.pdbx_strand_id   A,B
#
loop_
_chem_comp.id
_chem_comp.type
_chem_comp.name
_chem_comp.formula
OHP non-polymer '(2-HYDROXYPHENYL)ACETIC ACID' 'C8 H8 O3'
SO4 non-polymer 'SULFATE ION' 'O4 S -2'
#
# COMPACT_ATOMS: atom_id res chain seq x y z
N GLY A 2 1.53 -18.67 -6.98
CA GLY A 2 2.93 -19.14 -6.93
C GLY A 2 2.99 -20.57 -6.45
N SER A 3 4.16 -21.19 -6.48
CA SER A 3 4.29 -22.59 -6.03
C SER A 3 5.69 -22.84 -5.49
N LEU A 4 5.81 -23.82 -4.58
CA LEU A 4 7.12 -24.45 -4.30
C LEU A 4 7.71 -24.93 -5.62
N THR A 5 9.02 -24.85 -5.77
CA THR A 5 9.80 -25.40 -6.91
C THR A 5 9.67 -26.93 -6.82
N GLU A 6 10.23 -27.65 -7.78
CA GLU A 6 10.09 -29.14 -7.87
C GLU A 6 10.63 -29.83 -6.61
N ASP A 7 11.77 -29.39 -6.10
CA ASP A 7 12.51 -30.05 -4.99
C ASP A 7 11.93 -29.61 -3.63
N GLY A 8 10.92 -28.72 -3.62
CA GLY A 8 10.18 -28.23 -2.44
C GLY A 8 11.03 -27.37 -1.48
N LEU A 9 12.20 -26.90 -1.90
CA LEU A 9 13.16 -26.22 -1.03
C LEU A 9 13.18 -24.70 -1.30
N SER A 10 12.33 -24.21 -2.19
CA SER A 10 12.22 -22.76 -2.50
C SER A 10 10.82 -22.45 -3.07
N TYR A 11 10.39 -21.19 -3.14
CA TYR A 11 9.00 -20.86 -3.57
C TYR A 11 9.03 -19.72 -4.58
N LYS A 12 8.23 -19.82 -5.64
CA LYS A 12 8.18 -18.83 -6.75
C LYS A 12 6.77 -18.28 -6.92
N GLU A 13 6.71 -17.00 -7.29
CA GLU A 13 5.43 -16.27 -7.46
C GLU A 13 5.64 -15.12 -8.44
N LYS A 14 4.63 -14.91 -9.26
CA LYS A 14 4.58 -13.81 -10.26
C LYS A 14 3.62 -12.74 -9.79
N PHE A 15 3.96 -11.49 -10.05
CA PHE A 15 3.19 -10.30 -9.66
C PHE A 15 3.15 -9.38 -10.89
N VAL A 16 1.97 -8.83 -11.23
CA VAL A 16 1.90 -7.76 -12.27
C VAL A 16 2.01 -6.43 -11.53
N VAL A 17 2.90 -5.54 -11.93
CA VAL A 17 3.06 -4.22 -11.24
C VAL A 17 1.79 -3.34 -11.45
N ARG A 18 1.20 -2.85 -10.37
CA ARG A 18 -0.09 -2.09 -10.37
C ARG A 18 0.11 -0.58 -10.56
N SER A 19 -0.90 0.10 -11.10
CA SER A 19 -0.95 1.58 -11.28
C SER A 19 -0.43 2.32 -10.05
N TYR A 20 -1.02 2.06 -8.87
CA TYR A 20 -0.74 2.75 -7.58
C TYR A 20 0.60 2.33 -6.91
N GLU A 21 1.31 1.36 -7.48
CA GLU A 21 2.55 0.78 -6.92
C GLU A 21 3.76 1.50 -7.49
N VAL A 22 3.56 2.38 -8.49
CA VAL A 22 4.72 3.02 -9.21
C VAL A 22 4.90 4.46 -8.74
N GLY A 23 6.15 4.94 -8.84
CA GLY A 23 6.57 6.35 -8.67
C GLY A 23 6.60 7.17 -9.96
N SER A 24 7.39 8.25 -9.96
N SER A 24 7.38 8.25 -9.95
N SER A 24 7.39 8.25 -9.96
CA SER A 24 7.43 9.31 -11.00
CA SER A 24 7.44 9.31 -11.01
CA SER A 24 7.43 9.31 -11.00
C SER A 24 7.92 8.75 -12.35
C SER A 24 7.90 8.73 -12.35
C SER A 24 7.92 8.75 -12.35
N ASN A 25 8.82 7.76 -12.32
CA ASN A 25 9.35 7.13 -13.55
C ASN A 25 8.45 5.98 -14.02
N LYS A 26 7.23 5.85 -13.49
CA LYS A 26 6.26 4.78 -13.87
C LYS A 26 6.95 3.42 -13.71
N THR A 27 7.83 3.29 -12.72
CA THR A 27 8.36 1.99 -12.23
C THR A 27 8.11 1.84 -10.73
N ALA A 28 8.23 0.61 -10.24
CA ALA A 28 7.77 0.18 -8.89
C ALA A 28 8.66 0.87 -7.84
N THR A 29 8.09 1.39 -6.77
CA THR A 29 8.91 1.95 -5.67
C THR A 29 9.59 0.78 -4.93
N VAL A 30 10.62 1.09 -4.15
CA VAL A 30 11.34 0.08 -3.34
C VAL A 30 10.37 -0.41 -2.25
N GLU A 31 9.38 0.40 -1.85
CA GLU A 31 8.36 0.00 -0.87
C GLU A 31 7.47 -1.06 -1.49
N THR A 32 7.11 -0.89 -2.77
CA THR A 32 6.29 -1.90 -3.49
C THR A 32 7.11 -3.20 -3.55
N ILE A 33 8.38 -3.13 -3.96
CA ILE A 33 9.27 -4.31 -4.00
C ILE A 33 9.21 -4.99 -2.61
N ALA A 34 9.48 -4.26 -1.55
CA ALA A 34 9.60 -4.81 -0.18
C ALA A 34 8.29 -5.50 0.23
N ASN A 35 7.14 -4.96 -0.15
CA ASN A 35 5.78 -5.55 0.05
C ASN A 35 5.68 -6.90 -0.65
N LEU A 36 6.06 -6.96 -1.91
CA LEU A 36 6.12 -8.20 -2.71
C LEU A 36 7.08 -9.24 -2.08
N LEU A 37 8.27 -8.82 -1.62
CA LEU A 37 9.14 -9.76 -0.85
C LEU A 37 8.36 -10.37 0.32
N GLN A 38 7.70 -9.54 1.12
CA GLN A 38 6.94 -9.94 2.33
C GLN A 38 5.81 -10.89 1.93
N GLU A 39 5.07 -10.57 0.85
CA GLU A 39 3.93 -11.42 0.40
C GLU A 39 4.46 -12.80 -0.03
N VAL A 40 5.50 -12.81 -0.86
CA VAL A 40 6.06 -14.12 -1.32
C VAL A 40 6.59 -14.90 -0.10
N GLY A 41 7.22 -14.25 0.89
CA GLY A 41 7.71 -14.94 2.11
C GLY A 41 6.58 -15.60 2.89
N CYS A 42 5.45 -14.89 3.01
N CYS A 42 5.45 -14.90 3.00
N CYS A 42 5.45 -14.89 3.01
CA CYS A 42 4.21 -15.38 3.67
CA CYS A 42 4.21 -15.39 3.65
CA CYS A 42 4.21 -15.38 3.67
C CYS A 42 3.63 -16.58 2.90
C CYS A 42 3.67 -16.60 2.90
C CYS A 42 3.63 -16.58 2.90
N ASN A 43 3.59 -16.51 1.57
CA ASN A 43 3.04 -17.61 0.71
C ASN A 43 3.93 -18.88 0.87
N HIS A 44 5.25 -18.77 0.87
CA HIS A 44 6.20 -19.86 1.19
C HIS A 44 5.87 -20.49 2.56
N ALA A 45 5.76 -19.68 3.63
CA ALA A 45 5.42 -20.15 5.00
C ALA A 45 4.09 -20.94 4.99
N GLN A 46 3.02 -20.38 4.40
CA GLN A 46 1.71 -21.06 4.23
C GLN A 46 1.94 -22.43 3.56
N SER A 47 2.69 -22.43 2.45
N SER A 47 2.68 -22.43 2.45
N SER A 47 2.69 -22.43 2.45
CA SER A 47 2.93 -23.59 1.57
CA SER A 47 2.90 -23.62 1.58
CA SER A 47 2.93 -23.59 1.57
C SER A 47 3.54 -24.77 2.35
C SER A 47 3.55 -24.78 2.35
C SER A 47 3.54 -24.77 2.35
N VAL A 48 4.40 -24.49 3.35
CA VAL A 48 5.08 -25.56 4.17
C VAL A 48 4.48 -25.71 5.57
N GLY A 49 3.32 -25.11 5.85
CA GLY A 49 2.55 -25.37 7.09
C GLY A 49 3.04 -24.61 8.32
N PHE A 50 3.55 -23.39 8.21
CA PHE A 50 3.72 -22.43 9.35
C PHE A 50 2.45 -21.55 9.46
N SER A 51 2.45 -20.57 10.37
CA SER A 51 1.32 -19.59 10.54
C SER A 51 1.84 -18.24 11.05
N ALA A 56 5.79 -16.46 11.49
CA ALA A 56 6.21 -17.67 10.73
C ALA A 56 6.51 -18.79 11.73
N THR A 57 5.65 -18.91 12.76
CA THR A 57 5.95 -19.74 13.94
C THR A 57 5.76 -21.23 13.61
N THR A 58 6.66 -22.05 14.14
CA THR A 58 6.57 -23.53 14.21
C THR A 58 5.78 -23.95 15.46
N THR A 59 5.44 -25.23 15.55
CA THR A 59 4.69 -25.83 16.69
C THR A 59 5.39 -25.55 18.02
N THR A 60 6.70 -25.78 18.05
CA THR A 60 7.53 -25.63 19.27
C THR A 60 7.51 -24.16 19.73
N MET A 61 7.67 -23.23 18.79
N MET A 61 7.70 -23.24 18.78
N MET A 61 7.67 -23.23 18.79
CA MET A 61 7.72 -21.76 19.05
CA MET A 61 7.70 -21.76 19.01
CA MET A 61 7.72 -21.76 19.05
C MET A 61 6.35 -21.29 19.56
C MET A 61 6.35 -21.33 19.58
C MET A 61 6.35 -21.29 19.56
N ARG A 62 5.25 -21.86 19.03
CA ARG A 62 3.88 -21.53 19.52
C ARG A 62 3.77 -21.99 20.98
N LYS A 63 4.26 -23.18 21.30
CA LYS A 63 4.25 -23.72 22.68
C LYS A 63 4.97 -22.72 23.61
N LEU A 64 6.15 -22.24 23.21
CA LEU A 64 7.03 -21.40 24.07
C LEU A 64 6.71 -19.90 23.95
N HIS A 65 5.73 -19.51 23.13
CA HIS A 65 5.38 -18.10 22.82
C HIS A 65 6.59 -17.38 22.22
N LEU A 66 7.27 -17.99 21.24
CA LEU A 66 8.40 -17.37 20.49
C LEU A 66 7.93 -16.96 19.09
N ILE A 67 8.61 -15.96 18.51
CA ILE A 67 8.41 -15.37 17.15
C ILE A 67 9.78 -15.05 16.54
N TRP A 68 9.85 -15.05 15.21
CA TRP A 68 10.96 -14.49 14.41
C TRP A 68 10.69 -13.00 14.26
N VAL A 69 11.71 -12.17 14.52
CA VAL A 69 11.69 -10.73 14.14
C VAL A 69 12.93 -10.43 13.29
N THR A 70 12.75 -9.54 12.33
CA THR A 70 13.79 -9.00 11.42
C THR A 70 14.85 -8.25 12.24
N ALA A 71 16.14 -8.57 12.04
CA ALA A 71 17.26 -7.78 12.57
C ALA A 71 17.76 -6.83 11.48
N ARG A 72 17.71 -7.26 10.22
CA ARG A 72 18.33 -6.60 9.06
C ARG A 72 17.63 -7.03 7.77
N MET A 73 17.45 -6.06 6.87
CA MET A 73 16.98 -6.17 5.48
C MET A 73 18.03 -5.53 4.58
N HIS A 74 18.45 -6.22 3.53
CA HIS A 74 19.41 -5.70 2.52
C HIS A 74 18.79 -5.95 1.13
N ILE A 75 18.58 -4.90 0.35
CA ILE A 75 17.94 -4.99 -1.01
C ILE A 75 18.84 -4.30 -2.00
N GLU A 76 19.12 -4.97 -3.12
CA GLU A 76 19.84 -4.39 -4.28
C GLU A 76 18.92 -4.51 -5.47
N ILE A 77 18.59 -3.38 -6.13
CA ILE A 77 17.74 -3.34 -7.37
C ILE A 77 18.60 -2.86 -8.54
N TYR A 78 18.70 -3.67 -9.58
CA TYR A 78 19.37 -3.29 -10.84
C TYR A 78 18.35 -2.56 -11.73
N LYS A 79 17.12 -3.04 -11.76
CA LYS A 79 16.08 -2.44 -12.61
C LYS A 79 14.73 -2.62 -11.94
N TYR A 80 13.98 -1.53 -11.80
CA TYR A 80 12.66 -1.48 -11.16
C TYR A 80 11.66 -1.86 -12.25
N PRO A 81 10.75 -2.81 -12.03
CA PRO A 81 9.83 -3.20 -13.09
C PRO A 81 8.82 -2.09 -13.40
N ALA A 82 8.45 -1.98 -14.68
CA ALA A 82 7.46 -0.99 -15.15
C ALA A 82 6.05 -1.46 -14.80
N TRP A 83 5.21 -0.47 -14.53
CA TRP A 83 3.74 -0.62 -14.47
C TRP A 83 3.27 -1.53 -15.62
N GLY A 84 2.54 -2.57 -15.28
CA GLY A 84 2.17 -3.64 -16.24
C GLY A 84 3.22 -4.73 -16.44
N ASP A 85 4.49 -4.54 -16.12
CA ASP A 85 5.48 -5.66 -16.16
C ASP A 85 5.06 -6.79 -15.19
N VAL A 86 5.43 -8.03 -15.56
CA VAL A 86 5.38 -9.22 -14.69
C VAL A 86 6.77 -9.36 -14.06
N VAL A 87 6.81 -9.50 -12.75
CA VAL A 87 8.08 -9.74 -11.99
C VAL A 87 7.94 -11.13 -11.35
N GLU A 88 8.99 -11.94 -11.43
CA GLU A 88 8.99 -13.26 -10.77
C GLU A 88 9.92 -13.20 -9.57
N ILE A 89 9.44 -13.61 -8.40
CA ILE A 89 10.30 -13.65 -7.18
C ILE A 89 10.45 -15.09 -6.66
N GLU A 90 11.68 -15.51 -6.45
CA GLU A 90 12.02 -16.79 -5.77
C GLU A 90 12.62 -16.48 -4.39
N THR A 91 12.18 -17.21 -3.38
CA THR A 91 12.59 -17.04 -1.97
C THR A 91 12.83 -18.41 -1.33
N TRP A 92 13.78 -18.44 -0.43
CA TRP A 92 14.14 -19.63 0.37
C TRP A 92 14.64 -19.10 1.69
N CYS A 93 14.78 -19.99 2.68
N CYS A 93 14.75 -20.00 2.68
N CYS A 93 14.78 -19.99 2.68
CA CYS A 93 15.31 -19.66 4.03
CA CYS A 93 15.27 -19.73 4.04
CA CYS A 93 15.31 -19.66 4.03
C CYS A 93 16.38 -20.69 4.40
C CYS A 93 16.48 -20.63 4.30
C CYS A 93 16.38 -20.69 4.40
N GLN A 94 17.24 -20.33 5.37
CA GLN A 94 18.37 -21.19 5.84
C GLN A 94 18.58 -20.92 7.33
N SER A 95 18.97 -21.95 8.10
CA SER A 95 19.49 -21.83 9.48
C SER A 95 20.87 -21.18 9.41
N GLU A 96 21.17 -20.21 10.27
CA GLU A 96 22.55 -19.75 10.57
C GLU A 96 22.90 -20.26 11.96
N GLY A 97 22.76 -21.57 12.20
CA GLY A 97 23.01 -22.17 13.53
C GLY A 97 22.14 -21.54 14.61
N ARG A 98 22.74 -21.04 15.69
CA ARG A 98 22.00 -20.62 16.91
C ARG A 98 21.68 -19.13 16.79
N ILE A 99 22.32 -18.45 15.83
CA ILE A 99 22.23 -16.98 15.65
C ILE A 99 20.78 -16.60 15.29
N GLY A 100 20.16 -17.32 14.36
CA GLY A 100 18.84 -17.00 13.78
C GLY A 100 18.65 -17.65 12.42
N THR A 101 17.77 -17.10 11.57
CA THR A 101 17.49 -17.64 10.22
C THR A 101 17.78 -16.52 9.23
N ARG A 102 17.87 -16.88 7.96
CA ARG A 102 18.10 -15.99 6.80
C ARG A 102 16.96 -16.28 5.82
N ARG A 103 16.28 -15.24 5.33
CA ARG A 103 15.43 -15.40 4.13
C ARG A 103 16.12 -14.61 3.04
N ASP A 104 16.19 -15.20 1.84
CA ASP A 104 16.82 -14.64 0.62
C ASP A 104 15.80 -14.55 -0.51
N TRP A 105 15.97 -13.63 -1.44
CA TRP A 105 15.07 -13.45 -2.61
C TRP A 105 15.88 -13.10 -3.84
N ILE A 106 15.44 -13.58 -5.00
CA ILE A 106 15.94 -13.21 -6.34
C ILE A 106 14.72 -12.68 -7.06
N LEU A 107 14.81 -11.50 -7.62
CA LEU A 107 13.76 -10.92 -8.50
C LEU A 107 14.21 -11.05 -9.95
N LYS A 108 13.32 -11.55 -10.82
CA LYS A 108 13.56 -11.64 -12.29
C LYS A 108 12.46 -10.92 -13.09
N ASP A 109 12.85 -10.46 -14.28
CA ASP A 109 11.95 -10.12 -15.40
C ASP A 109 11.40 -11.45 -15.93
N SER A 110 10.11 -11.72 -15.75
CA SER A 110 9.41 -12.92 -16.29
C SER A 110 9.75 -13.13 -17.78
N VAL A 111 9.68 -12.07 -18.60
CA VAL A 111 9.88 -12.11 -20.09
C VAL A 111 11.32 -12.55 -20.37
N THR A 112 12.31 -11.70 -20.10
CA THR A 112 13.74 -11.95 -20.45
C THR A 112 14.36 -13.05 -19.56
N GLY A 113 13.80 -13.33 -18.38
CA GLY A 113 14.43 -14.18 -17.33
C GLY A 113 15.71 -13.60 -16.68
N GLU A 114 16.11 -12.35 -16.95
CA GLU A 114 17.29 -11.67 -16.31
C GLU A 114 16.98 -11.32 -14.84
N VAL A 115 17.98 -11.46 -13.96
CA VAL A 115 17.95 -11.08 -12.52
C VAL A 115 17.92 -9.57 -12.42
N THR A 116 16.83 -8.99 -11.93
CA THR A 116 16.68 -7.52 -11.84
C THR A 116 16.87 -7.03 -10.39
N GLY A 117 16.96 -7.94 -9.40
CA GLY A 117 17.18 -7.53 -8.00
C GLY A 117 17.46 -8.71 -7.11
N ARG A 118 17.97 -8.46 -5.91
CA ARG A 118 18.10 -9.56 -4.95
C ARG A 118 18.02 -8.99 -3.55
N ALA A 119 17.65 -9.82 -2.58
CA ALA A 119 17.57 -9.33 -1.19
C ALA A 119 17.90 -10.44 -0.24
N THR A 120 18.21 -10.05 0.99
CA THR A 120 18.54 -10.94 2.10
C THR A 120 18.15 -10.23 3.38
N SER A 121 17.66 -11.00 4.34
CA SER A 121 17.16 -10.52 5.64
C SER A 121 17.55 -11.52 6.72
N LYS A 122 17.97 -11.02 7.90
CA LYS A 122 18.35 -11.81 9.09
C LYS A 122 17.22 -11.70 10.11
N TRP A 123 16.83 -12.83 10.67
CA TRP A 123 15.71 -12.94 11.61
C TRP A 123 16.30 -13.53 12.89
N VAL A 124 15.94 -12.98 14.05
CA VAL A 124 16.37 -13.48 15.39
C VAL A 124 15.13 -13.94 16.17
N MET A 125 15.34 -14.80 17.14
CA MET A 125 14.18 -15.36 17.87
C MET A 125 13.97 -14.55 19.14
N MET A 126 12.72 -14.20 19.40
CA MET A 126 12.30 -13.36 20.52
C MET A 126 11.13 -14.02 21.24
N ASN A 127 11.15 -13.98 22.59
CA ASN A 127 9.94 -14.18 23.41
C ASN A 127 8.99 -13.05 23.08
N GLN A 128 7.79 -13.39 22.63
CA GLN A 128 6.70 -12.50 22.18
C GLN A 128 6.32 -11.51 23.28
N ASP A 129 6.27 -12.00 24.53
CA ASP A 129 5.71 -11.31 25.71
C ASP A 129 6.78 -10.44 26.39
N THR A 130 7.94 -11.02 26.77
CA THR A 130 9.04 -10.31 27.44
C THR A 130 9.84 -9.47 26.45
N ARG A 131 9.79 -9.85 25.17
CA ARG A 131 10.53 -9.18 24.07
C ARG A 131 12.05 -9.41 24.18
N ARG A 132 12.45 -10.50 24.87
CA ARG A 132 13.86 -10.90 25.10
C ARG A 132 14.33 -11.85 23.98
N LEU A 133 15.49 -11.57 23.38
CA LEU A 133 16.07 -12.43 22.31
C LEU A 133 16.56 -13.74 22.94
N GLN A 134 16.59 -14.82 22.16
CA GLN A 134 17.35 -16.04 22.53
C GLN A 134 17.97 -16.67 21.28
N LYS A 135 18.92 -17.56 21.53
CA LYS A 135 19.59 -18.44 20.54
C LYS A 135 18.56 -19.50 20.10
N VAL A 136 18.60 -19.88 18.83
CA VAL A 136 17.71 -20.93 18.24
C VAL A 136 18.03 -22.28 18.89
N SER A 137 17.04 -22.96 19.49
CA SER A 137 17.21 -24.30 20.12
C SER A 137 17.27 -25.41 19.05
N ASP A 138 17.86 -26.56 19.39
CA ASP A 138 18.00 -27.75 18.51
C ASP A 138 16.63 -28.22 17.98
N ASP A 139 15.58 -28.22 18.82
CA ASP A 139 14.22 -28.72 18.46
C ASP A 139 13.61 -27.86 17.36
N VAL A 140 13.86 -26.54 17.43
CA VAL A 140 13.40 -25.55 16.40
C VAL A 140 14.24 -25.75 15.15
N ARG A 141 15.56 -25.88 15.31
CA ARG A 141 16.52 -26.02 14.18
C ARG A 141 16.08 -27.19 13.29
N ASP A 142 15.73 -28.33 13.87
CA ASP A 142 15.36 -29.60 13.15
C ASP A 142 14.04 -29.46 12.39
N GLU A 143 13.08 -28.71 12.96
CA GLU A 143 11.74 -28.46 12.39
C GLU A 143 11.82 -27.55 11.17
N TYR A 144 12.95 -26.87 10.98
CA TYR A 144 13.16 -25.83 9.94
C TYR A 144 14.12 -26.33 8.85
N LEU A 145 14.90 -27.37 9.14
CA LEU A 145 15.97 -27.88 8.24
C LEU A 145 15.38 -28.77 7.13
N VAL A 146 14.13 -29.24 7.30
CA VAL A 146 13.44 -30.09 6.28
C VAL A 146 12.81 -29.20 5.20
N PHE A 147 12.76 -27.87 5.43
CA PHE A 147 12.15 -26.89 4.49
C PHE A 147 13.24 -26.02 3.85
N CYS A 148 14.49 -26.20 4.23
CA CYS A 148 15.66 -25.36 3.81
C CYS A 148 16.70 -26.23 3.10
N PRO A 149 17.39 -25.69 2.06
CA PRO A 149 18.44 -26.43 1.35
C PRO A 149 19.57 -26.67 2.35
N GLN A 150 20.28 -27.79 2.19
CA GLN A 150 21.25 -28.21 3.25
C GLN A 150 22.66 -27.69 2.88
N GLU A 151 22.94 -27.51 1.58
CA GLU A 151 24.14 -26.79 1.09
C GLU A 151 23.84 -25.29 1.04
N PRO A 152 24.82 -24.41 1.36
CA PRO A 152 24.56 -22.97 1.42
C PRO A 152 24.08 -22.47 0.06
N ARG A 153 23.08 -21.60 0.06
CA ARG A 153 22.51 -20.94 -1.13
C ARG A 153 22.36 -19.46 -0.74
N LEU A 154 23.20 -18.59 -1.28
CA LEU A 154 23.29 -17.16 -0.87
C LEU A 154 22.75 -16.30 -2.02
N ALA A 155 21.80 -15.40 -1.76
CA ALA A 155 21.49 -14.37 -2.77
C ALA A 155 22.72 -13.48 -2.97
N PHE A 156 23.52 -13.30 -1.93
CA PHE A 156 24.74 -12.45 -1.92
C PHE A 156 25.93 -13.33 -1.57
N PRO A 157 26.50 -14.03 -2.57
CA PRO A 157 27.68 -14.87 -2.37
C PRO A 157 29.00 -14.08 -2.31
N GLU A 158 29.06 -12.85 -2.82
CA GLU A 158 30.34 -12.08 -2.91
C GLU A 158 31.11 -12.19 -1.58
N GLU A 159 32.45 -12.07 -1.65
CA GLU A 159 33.40 -12.35 -0.53
C GLU A 159 33.30 -11.24 0.53
N ASN A 160 33.43 -9.98 0.11
CA ASN A 160 33.07 -8.79 0.92
C ASN A 160 31.84 -8.14 0.28
N ASN A 161 30.63 -8.65 0.59
CA ASN A 161 29.37 -8.09 0.03
C ASN A 161 28.79 -7.07 1.03
N ARG A 162 28.15 -6.02 0.49
CA ARG A 162 27.64 -4.85 1.25
C ARG A 162 26.53 -5.31 2.23
N SER A 163 26.00 -6.53 2.08
CA SER A 163 24.90 -7.08 2.90
C SER A 163 25.32 -7.34 4.36
N LEU A 164 26.63 -7.41 4.64
CA LEU A 164 27.21 -7.81 5.96
C LEU A 164 28.00 -6.66 6.62
N LYS A 165 28.03 -5.45 6.07
CA LYS A 165 28.88 -4.37 6.64
C LYS A 165 28.26 -3.85 7.95
N LYS A 166 29.10 -3.45 8.90
CA LYS A 166 28.69 -2.79 10.17
C LYS A 166 28.23 -1.37 9.81
N ILE A 167 27.13 -0.91 10.43
CA ILE A 167 26.53 0.44 10.16
C ILE A 167 26.75 1.34 11.36
N PRO A 168 27.44 2.49 11.18
CA PRO A 168 27.70 3.43 12.28
C PRO A 168 26.48 4.29 12.65
N LYS A 169 26.57 4.98 13.80
CA LYS A 169 25.48 5.85 14.31
C LYS A 169 25.73 7.28 13.82
N LEU A 170 24.74 7.83 13.12
CA LEU A 170 24.78 9.18 12.53
C LEU A 170 25.05 10.18 13.67
N GLU A 171 25.90 11.17 13.44
CA GLU A 171 26.26 12.20 14.44
C GLU A 171 25.30 13.39 14.29
N ASP A 172 24.78 13.92 15.39
CA ASP A 172 24.11 15.26 15.35
C ASP A 172 25.21 16.30 15.14
N PRO A 173 24.97 17.39 14.38
CA PRO A 173 23.76 17.57 13.56
C PRO A 173 23.69 16.72 12.26
N ALA A 174 22.50 16.19 11.95
CA ALA A 174 22.19 15.50 10.67
C ALA A 174 22.19 16.54 9.55
N GLN A 175 22.50 16.15 8.31
CA GLN A 175 22.44 17.10 7.17
C GLN A 175 20.98 17.39 6.84
N TYR A 176 20.12 16.37 6.86
CA TYR A 176 18.69 16.46 6.46
C TYR A 176 17.81 15.78 7.50
N SER A 177 16.55 16.20 7.62
CA SER A 177 15.63 15.56 8.57
C SER A 177 14.20 15.74 8.11
N MET A 178 13.36 14.77 8.43
CA MET A 178 11.90 14.85 8.39
C MET A 178 11.42 14.49 9.79
N ILE A 179 10.65 15.38 10.39
CA ILE A 179 10.26 15.38 11.84
C ILE A 179 8.79 14.98 11.98
N GLY A 180 8.44 14.30 13.07
CA GLY A 180 7.04 14.12 13.48
C GLY A 180 6.34 13.07 12.63
N LEU A 181 7.06 12.08 12.06
CA LEU A 181 6.46 10.95 11.29
C LEU A 181 5.69 10.04 12.24
N LYS A 182 4.45 9.67 11.86
CA LYS A 182 3.54 8.86 12.70
C LYS A 182 2.86 7.83 11.81
N PRO A 183 2.72 6.58 12.27
CA PRO A 183 2.01 5.57 11.48
C PRO A 183 0.47 5.74 11.56
N ARG A 184 -0.24 5.56 10.46
CA ARG A 184 -1.73 5.46 10.44
C ARG A 184 -2.12 3.96 10.33
N ARG A 185 -3.40 3.65 10.29
CA ARG A 185 -3.87 2.23 10.41
C ARG A 185 -3.43 1.41 9.19
N ALA A 186 -3.34 2.02 7.99
CA ALA A 186 -2.80 1.37 6.77
C ALA A 186 -1.35 0.99 7.02
N ASP A 187 -0.64 1.60 7.97
CA ASP A 187 0.77 1.21 8.28
C ASP A 187 0.86 -0.01 9.17
N LEU A 188 -0.26 -0.52 9.69
CA LEU A 188 -0.25 -1.65 10.66
C LEU A 188 -0.56 -2.95 9.90
N ASP A 189 0.04 -4.05 10.37
CA ASP A 189 -0.23 -5.45 9.92
C ASP A 189 -1.45 -5.97 10.67
N MET A 190 -1.79 -7.22 10.38
CA MET A 190 -2.97 -7.91 10.96
C MET A 190 -2.86 -8.03 12.49
N ASN A 191 -1.66 -7.90 13.10
CA ASN A 191 -1.53 -7.97 14.60
C ASN A 191 -1.28 -6.59 15.21
N GLN A 192 -1.49 -5.52 14.46
CA GLN A 192 -1.51 -4.11 14.94
C GLN A 192 -0.08 -3.63 15.22
N HIS A 193 0.91 -4.33 14.71
CA HIS A 193 2.33 -3.88 14.70
C HIS A 193 2.59 -3.08 13.41
N VAL A 194 3.49 -2.10 13.48
CA VAL A 194 3.90 -1.27 12.30
C VAL A 194 4.60 -2.25 11.36
N ASN A 195 4.20 -2.23 10.10
CA ASN A 195 4.78 -3.06 9.00
C ASN A 195 6.25 -2.68 8.82
N ASN A 196 7.11 -3.68 8.73
CA ASN A 196 8.57 -3.53 8.48
C ASN A 196 8.83 -2.59 7.32
N VAL A 197 7.90 -2.53 6.35
CA VAL A 197 8.07 -1.77 5.06
C VAL A 197 7.97 -0.27 5.36
N THR A 198 7.05 0.12 6.25
CA THR A 198 6.83 1.54 6.64
C THR A 198 8.16 2.16 7.08
N TYR A 199 9.00 1.42 7.78
CA TYR A 199 10.28 1.98 8.30
C TYR A 199 11.18 2.33 7.12
N ILE A 200 11.09 1.55 6.04
CA ILE A 200 11.86 1.83 4.80
C ILE A 200 11.39 3.21 4.31
N GLY A 201 10.08 3.43 4.29
CA GLY A 201 9.43 4.64 3.82
C GLY A 201 9.89 5.86 4.62
N TRP A 202 9.94 5.72 5.96
CA TRP A 202 10.41 6.76 6.89
C TRP A 202 11.88 7.07 6.66
N VAL A 203 12.74 6.06 6.51
CA VAL A 203 14.18 6.32 6.20
C VAL A 203 14.27 7.24 4.98
N LEU A 204 13.59 6.88 3.90
CA LEU A 204 13.69 7.58 2.59
C LEU A 204 13.07 8.99 2.62
N GLU A 205 12.25 9.32 3.61
CA GLU A 205 11.57 10.63 3.67
C GLU A 205 12.56 11.76 3.89
N SER A 206 13.72 11.50 4.48
CA SER A 206 14.73 12.55 4.77
C SER A 206 15.71 12.73 3.60
N ILE A 207 15.60 11.94 2.52
CA ILE A 207 16.38 12.11 1.26
C ILE A 207 15.83 13.31 0.55
N PRO A 208 16.66 14.27 0.11
CA PRO A 208 16.16 15.47 -0.54
C PRO A 208 15.49 15.06 -1.86
N GLN A 209 14.45 15.79 -2.24
CA GLN A 209 13.67 15.54 -3.49
C GLN A 209 14.62 15.70 -4.69
N GLU A 210 15.68 16.50 -4.61
CA GLU A 210 16.64 16.70 -5.74
C GLU A 210 17.27 15.34 -6.11
N ILE A 211 17.80 14.61 -5.11
CA ILE A 211 18.41 13.26 -5.26
C ILE A 211 17.37 12.31 -5.85
N VAL A 212 16.16 12.27 -5.28
CA VAL A 212 15.08 11.34 -5.72
C VAL A 212 14.74 11.58 -7.20
N ASP A 213 14.68 12.84 -7.63
CA ASP A 213 14.34 13.29 -9.01
C ASP A 213 15.44 12.94 -10.01
N THR A 214 16.70 12.88 -9.58
CA THR A 214 17.88 12.78 -10.48
C THR A 214 18.60 11.44 -10.32
N HIS A 215 18.30 10.68 -9.26
CA HIS A 215 18.99 9.41 -8.94
C HIS A 215 17.95 8.31 -8.76
N GLU A 216 18.43 7.07 -8.83
CA GLU A 216 17.67 5.84 -8.58
C GLU A 216 18.36 5.14 -7.43
N LEU A 217 17.58 4.62 -6.49
CA LEU A 217 18.08 3.81 -5.36
C LEU A 217 18.59 2.46 -5.89
N GLN A 218 19.86 2.12 -5.67
CA GLN A 218 20.48 0.83 -6.04
C GLN A 218 20.54 -0.08 -4.82
N VAL A 219 20.90 0.41 -3.65
CA VAL A 219 21.11 -0.43 -2.44
C VAL A 219 20.54 0.27 -1.21
N ILE A 220 19.93 -0.51 -0.32
CA ILE A 220 19.56 -0.07 1.05
C ILE A 220 19.84 -1.22 2.00
N THR A 221 20.46 -0.93 3.14
CA THR A 221 20.71 -1.83 4.28
C THR A 221 20.04 -1.13 5.44
N LEU A 222 19.24 -1.85 6.21
CA LEU A 222 18.45 -1.35 7.34
C LEU A 222 18.50 -2.34 8.52
N ASP A 223 19.09 -1.92 9.64
CA ASP A 223 19.01 -2.59 10.96
C ASP A 223 17.73 -2.14 11.68
N TYR A 224 17.09 -3.10 12.34
CA TYR A 224 15.86 -2.95 13.16
C TYR A 224 16.26 -3.14 14.62
N ARG A 225 16.19 -2.08 15.41
CA ARG A 225 16.72 -2.12 16.81
C ARG A 225 15.55 -2.35 17.76
N ARG A 226 14.48 -1.59 17.56
CA ARG A 226 13.31 -1.43 18.46
C ARG A 226 12.13 -1.20 17.53
N GLU A 227 10.99 -1.73 17.86
CA GLU A 227 9.79 -1.44 17.05
C GLU A 227 9.18 -0.08 17.45
N CYS A 228 8.67 0.70 16.48
CA CYS A 228 7.76 1.87 16.70
C CYS A 228 6.36 1.37 17.07
N GLN A 229 5.85 1.81 18.20
CA GLN A 229 4.47 1.46 18.60
C GLN A 229 3.51 2.36 17.84
N GLN A 230 2.27 1.93 17.81
CA GLN A 230 1.17 2.58 17.05
C GLN A 230 1.05 4.06 17.45
N ASP A 231 1.43 4.45 18.68
CA ASP A 231 1.22 5.84 19.18
C ASP A 231 2.57 6.53 19.42
N ASP A 232 3.66 5.97 18.93
CA ASP A 232 4.98 6.65 18.92
C ASP A 232 5.05 7.63 17.72
N VAL A 233 5.98 8.55 17.78
CA VAL A 233 6.33 9.55 16.72
C VAL A 233 7.82 9.40 16.44
N VAL A 234 8.21 9.55 15.18
CA VAL A 234 9.57 9.22 14.65
C VAL A 234 10.15 10.45 13.96
N ASP A 235 11.43 10.67 14.21
CA ASP A 235 12.28 11.59 13.43
C ASP A 235 13.19 10.77 12.51
N SER A 236 13.34 11.24 11.27
CA SER A 236 14.14 10.58 10.23
C SER A 236 15.33 11.48 9.89
N LEU A 237 16.54 10.99 10.10
CA LEU A 237 17.81 11.73 9.88
C LEU A 237 18.65 11.08 8.77
N THR A 238 19.26 11.90 7.94
CA THR A 238 20.16 11.51 6.83
C THR A 238 21.37 12.48 6.76
N THR A 239 22.57 11.94 6.52
CA THR A 239 23.81 12.66 6.14
C THR A 239 24.44 12.02 4.90
N THR A 240 24.90 12.84 3.97
CA THR A 240 25.75 12.40 2.82
C THR A 240 27.07 11.86 3.37
N THR A 241 27.54 10.69 2.93
CA THR A 241 28.86 10.11 3.30
C THR A 241 29.77 9.98 2.09
N SER A 242 29.33 10.40 0.90
CA SER A 242 30.10 10.30 -0.37
C SER A 242 30.91 11.59 -0.63
N ASN A 259 30.10 9.75 -9.30
CA ASN A 259 28.69 9.88 -9.76
C ASN A 259 27.70 9.13 -8.84
N ASP A 260 28.14 8.30 -7.88
CA ASP A 260 27.24 7.63 -6.91
C ASP A 260 27.06 8.55 -5.71
N SER A 261 25.87 8.57 -5.08
CA SER A 261 25.62 9.22 -3.76
C SER A 261 25.30 8.16 -2.71
N GLN A 262 25.93 8.28 -1.55
CA GLN A 262 25.72 7.44 -0.36
C GLN A 262 25.24 8.34 0.79
N PHE A 263 24.44 7.75 1.67
CA PHE A 263 23.78 8.40 2.82
C PHE A 263 23.87 7.46 4.01
N LEU A 264 24.08 8.03 5.19
CA LEU A 264 23.88 7.33 6.47
C LEU A 264 22.52 7.75 7.02
N HIS A 265 21.76 6.84 7.64
CA HIS A 265 20.36 7.06 8.07
C HIS A 265 20.16 6.67 9.52
N LEU A 266 19.31 7.44 10.23
CA LEU A 266 18.86 7.10 11.60
C LEU A 266 17.38 7.44 11.78
N LEU A 267 16.59 6.50 12.27
CA LEU A 267 15.20 6.74 12.77
C LEU A 267 15.29 6.67 14.28
N ARG A 268 14.70 7.66 14.97
CA ARG A 268 14.68 7.75 16.44
C ARG A 268 13.35 8.36 16.90
N LEU A 269 12.91 8.02 18.12
CA LEU A 269 11.65 8.52 18.69
C LEU A 269 11.78 10.03 18.92
N SER A 270 10.77 10.83 18.54
CA SER A 270 10.93 12.31 18.42
C SER A 270 11.15 12.94 19.80
N GLY A 271 10.81 12.25 20.88
CA GLY A 271 10.99 12.78 22.23
C GLY A 271 12.40 12.53 22.71
N ASP A 272 12.57 11.39 23.36
CA ASP A 272 13.83 11.03 24.05
C ASP A 272 14.93 10.65 23.04
N GLY A 273 14.62 10.51 21.74
CA GLY A 273 15.63 10.13 20.73
C GLY A 273 16.14 8.68 20.85
N GLN A 274 15.35 7.78 21.44
CA GLN A 274 15.55 6.30 21.39
C GLN A 274 15.67 5.80 19.93
N GLU A 275 16.78 5.17 19.57
CA GLU A 275 17.08 4.64 18.21
C GLU A 275 16.07 3.54 17.87
N ILE A 276 15.36 3.62 16.75
CA ILE A 276 14.59 2.44 16.26
C ILE A 276 15.28 1.77 15.07
N ASN A 277 15.96 2.50 14.18
CA ASN A 277 16.63 1.91 12.99
C ASN A 277 17.85 2.73 12.63
N ARG A 278 18.84 2.08 11.99
CA ARG A 278 19.90 2.77 11.24
C ARG A 278 20.08 2.09 9.87
N GLY A 279 20.51 2.84 8.85
CA GLY A 279 20.73 2.24 7.54
C GLY A 279 21.71 3.02 6.70
N THR A 280 22.04 2.48 5.52
CA THR A 280 22.81 3.14 4.44
C THR A 280 21.98 3.02 3.16
N THR A 281 22.06 4.00 2.28
CA THR A 281 21.52 3.88 0.90
C THR A 281 22.63 4.25 -0.08
N LEU A 282 22.52 3.78 -1.32
CA LEU A 282 23.43 4.06 -2.44
C LEU A 282 22.55 4.38 -3.65
N TRP A 283 22.85 5.48 -4.33
CA TRP A 283 21.99 6.01 -5.41
C TRP A 283 22.91 6.23 -6.61
N ARG A 284 22.45 5.92 -7.82
CA ARG A 284 23.22 6.21 -9.06
C ARG A 284 22.42 7.23 -9.87
N LYS A 285 23.10 8.20 -10.47
CA LYS A 285 22.52 9.11 -11.50
C LYS A 285 21.77 8.30 -12.55
N LYS A 286 20.54 8.74 -12.89
CA LYS A 286 19.72 8.15 -13.98
C LYS A 286 20.41 8.39 -15.33
N GLY B 2 -7.11 -9.24 -16.49
CA GLY B 2 -8.52 -8.80 -16.56
C GLY B 2 -8.91 -8.54 -18.01
N SER B 3 -10.19 -8.30 -18.27
CA SER B 3 -10.62 -8.19 -19.68
C SER B 3 -11.89 -7.38 -19.80
N LEU B 4 -12.05 -6.67 -20.93
CA LEU B 4 -13.40 -6.25 -21.37
C LEU B 4 -14.32 -7.46 -21.46
N THR B 5 -15.58 -7.29 -21.11
CA THR B 5 -16.66 -8.30 -21.28
C THR B 5 -16.90 -8.46 -22.79
N GLU B 6 -17.83 -9.32 -23.18
CA GLU B 6 -18.07 -9.71 -24.59
C GLU B 6 -18.44 -8.46 -25.42
N ASP B 7 -19.31 -7.62 -24.85
CA ASP B 7 -19.92 -6.44 -25.52
C ASP B 7 -18.94 -5.25 -25.53
N GLY B 8 -17.81 -5.30 -24.78
CA GLY B 8 -16.79 -4.24 -24.76
C GLY B 8 -17.24 -3.01 -23.96
N LEU B 9 -18.34 -3.09 -23.19
CA LEU B 9 -18.90 -1.92 -22.47
C LEU B 9 -18.63 -2.00 -20.96
N SER B 10 -17.83 -2.96 -20.50
CA SER B 10 -17.38 -3.03 -19.09
C SER B 10 -16.12 -3.91 -18.99
N TYR B 11 -15.45 -3.91 -17.84
CA TYR B 11 -14.12 -4.56 -17.62
C TYR B 11 -14.17 -5.35 -16.31
N LYS B 12 -13.62 -6.57 -16.33
CA LYS B 12 -13.56 -7.47 -15.15
C LYS B 12 -12.12 -7.82 -14.85
N GLU B 13 -11.81 -7.98 -13.57
CA GLU B 13 -10.45 -8.39 -13.12
C GLU B 13 -10.60 -9.07 -11.76
N LYS B 14 -9.78 -10.07 -11.54
CA LYS B 14 -9.66 -10.84 -10.28
C LYS B 14 -8.39 -10.41 -9.54
N PHE B 15 -8.45 -10.37 -8.23
CA PHE B 15 -7.32 -10.04 -7.35
C PHE B 15 -7.28 -11.10 -6.25
N VAL B 16 -6.09 -11.58 -5.90
CA VAL B 16 -5.94 -12.47 -4.70
C VAL B 16 -5.54 -11.53 -3.57
N VAL B 17 -6.28 -11.54 -2.46
CA VAL B 17 -6.01 -10.57 -1.35
C VAL B 17 -4.65 -10.91 -0.69
N ARG B 18 -3.74 -9.93 -0.64
CA ARG B 18 -2.35 -10.15 -0.14
C ARG B 18 -2.26 -9.99 1.39
N SER B 19 -1.24 -10.58 2.01
CA SER B 19 -1.05 -10.62 3.49
C SER B 19 -1.01 -9.21 4.10
N TYR B 20 -0.28 -8.27 3.49
CA TYR B 20 -0.14 -6.85 3.93
C TYR B 20 -1.38 -6.00 3.60
N GLU B 21 -2.33 -6.54 2.86
CA GLU B 21 -3.58 -5.83 2.43
C GLU B 21 -4.65 -5.94 3.51
N VAL B 22 -4.46 -6.79 4.55
CA VAL B 22 -5.55 -7.14 5.51
C VAL B 22 -5.31 -6.44 6.84
N GLY B 23 -6.38 -6.16 7.56
CA GLY B 23 -6.34 -5.65 8.96
C GLY B 23 -6.52 -6.72 10.05
N SER B 24 -6.98 -6.30 11.24
CA SER B 24 -7.02 -7.09 12.50
C SER B 24 -7.97 -8.30 12.40
N ASN B 25 -8.94 -8.29 11.50
CA ASN B 25 -9.89 -9.41 11.24
C ASN B 25 -9.39 -10.29 10.08
N LYS B 26 -8.14 -10.13 9.63
CA LYS B 26 -7.56 -10.86 8.48
C LYS B 26 -8.51 -10.78 7.27
N THR B 27 -9.12 -9.60 7.06
CA THR B 27 -9.88 -9.26 5.83
C THR B 27 -9.36 -7.92 5.26
N ALA B 28 -9.61 -7.69 3.97
CA ALA B 28 -9.09 -6.53 3.22
C ALA B 28 -9.56 -5.25 3.93
N THR B 29 -8.67 -4.26 4.09
CA THR B 29 -9.05 -2.91 4.57
C THR B 29 -9.89 -2.21 3.49
N VAL B 30 -10.66 -1.19 3.87
CA VAL B 30 -11.41 -0.39 2.86
C VAL B 30 -10.39 0.34 1.99
N GLU B 31 -9.19 0.62 2.50
CA GLU B 31 -8.12 1.21 1.64
C GLU B 31 -7.65 0.24 0.56
N THR B 32 -7.42 -1.02 0.90
CA THR B 32 -7.08 -2.07 -0.11
C THR B 32 -8.19 -2.13 -1.16
N ILE B 33 -9.45 -2.23 -0.74
CA ILE B 33 -10.61 -2.21 -1.68
C ILE B 33 -10.50 -0.97 -2.56
N ALA B 34 -10.32 0.20 -1.98
CA ALA B 34 -10.29 1.46 -2.76
C ALA B 34 -9.17 1.39 -3.80
N ASN B 35 -7.98 0.90 -3.45
CA ASN B 35 -6.82 0.67 -4.38
C ASN B 35 -7.20 -0.28 -5.55
N LEU B 36 -7.87 -1.37 -5.26
CA LEU B 36 -8.31 -2.33 -6.30
C LEU B 36 -9.28 -1.64 -7.27
N LEU B 37 -10.16 -0.77 -6.78
CA LEU B 37 -11.12 -0.06 -7.63
C LEU B 37 -10.32 0.85 -8.57
N GLN B 38 -9.35 1.55 -8.03
CA GLN B 38 -8.47 2.43 -8.84
C GLN B 38 -7.75 1.55 -9.89
N GLU B 39 -7.17 0.41 -9.49
CA GLU B 39 -6.38 -0.45 -10.41
C GLU B 39 -7.28 -0.96 -11.55
N VAL B 40 -8.51 -1.35 -11.24
CA VAL B 40 -9.33 -1.94 -12.33
C VAL B 40 -9.83 -0.79 -13.23
N GLY B 41 -10.05 0.41 -12.65
CA GLY B 41 -10.34 1.64 -13.44
C GLY B 41 -9.24 1.94 -14.46
N CYS B 42 -7.97 2.02 -14.03
CA CYS B 42 -6.81 2.23 -14.92
C CYS B 42 -6.75 1.11 -15.96
N ASN B 43 -7.06 -0.14 -15.64
CA ASN B 43 -6.89 -1.27 -16.62
C ASN B 43 -8.04 -1.15 -17.66
N HIS B 44 -9.18 -0.60 -17.31
CA HIS B 44 -10.31 -0.34 -18.24
C HIS B 44 -9.94 0.79 -19.20
N ALA B 45 -9.44 1.94 -18.70
CA ALA B 45 -8.95 3.08 -19.51
C ALA B 45 -7.89 2.60 -20.51
N GLN B 46 -6.92 1.82 -20.03
CA GLN B 46 -5.85 1.21 -20.88
C GLN B 46 -6.49 0.43 -22.03
N SER B 47 -7.41 -0.46 -21.72
CA SER B 47 -7.95 -1.41 -22.71
C SER B 47 -8.73 -0.65 -23.79
N VAL B 48 -9.26 0.54 -23.52
CA VAL B 48 -10.03 1.25 -24.58
C VAL B 48 -9.30 2.47 -25.15
N GLY B 49 -7.96 2.50 -24.98
CA GLY B 49 -7.05 3.45 -25.64
C GLY B 49 -7.15 4.87 -25.09
N PHE B 50 -7.41 5.04 -23.79
CA PHE B 50 -7.20 6.32 -23.06
C PHE B 50 -5.79 6.31 -22.46
N SER B 51 -5.31 7.49 -22.06
CA SER B 51 -4.08 7.63 -21.23
C SER B 51 -4.41 7.12 -19.82
N THR B 52 -3.40 6.68 -19.09
CA THR B 52 -3.55 5.97 -17.80
C THR B 52 -2.91 6.78 -16.66
N ASP B 53 -2.39 7.98 -16.95
CA ASP B 53 -1.61 8.82 -16.00
C ASP B 53 -2.58 9.55 -15.06
N ALA B 56 -7.76 10.15 -16.93
CA ALA B 56 -7.56 9.24 -18.08
C ALA B 56 -7.11 10.07 -19.30
N THR B 57 -8.02 10.92 -19.80
CA THR B 57 -7.80 11.93 -20.87
C THR B 57 -7.90 11.26 -22.26
N THR B 58 -8.88 11.71 -23.04
CA THR B 58 -9.02 11.46 -24.50
C THR B 58 -8.16 12.49 -25.24
N THR B 59 -7.94 12.27 -26.55
CA THR B 59 -7.05 13.11 -27.40
C THR B 59 -7.55 14.56 -27.44
N THR B 60 -8.87 14.76 -27.47
CA THR B 60 -9.52 16.10 -27.42
C THR B 60 -9.06 16.84 -26.15
N MET B 61 -9.26 16.23 -24.97
CA MET B 61 -9.04 16.92 -23.67
C MET B 61 -7.53 17.09 -23.38
N ARG B 62 -6.66 16.29 -24.02
CA ARG B 62 -5.19 16.55 -23.99
C ARG B 62 -4.91 17.86 -24.73
N LYS B 63 -5.57 18.08 -25.87
CA LYS B 63 -5.39 19.29 -26.72
C LYS B 63 -5.73 20.53 -25.88
N LEU B 64 -6.86 20.51 -25.17
CA LEU B 64 -7.35 21.61 -24.29
C LEU B 64 -6.94 21.33 -22.84
N HIS B 65 -5.65 21.09 -22.58
CA HIS B 65 -5.05 20.59 -21.30
C HIS B 65 -6.12 20.28 -20.23
N LEU B 66 -7.03 19.33 -20.45
CA LEU B 66 -8.12 19.01 -19.49
C LEU B 66 -7.90 17.62 -18.87
N ILE B 67 -8.34 17.46 -17.61
CA ILE B 67 -8.25 16.20 -16.80
C ILE B 67 -9.58 15.97 -16.09
N TRP B 68 -9.94 14.69 -15.85
CA TRP B 68 -10.99 14.27 -14.89
C TRP B 68 -10.41 14.23 -13.49
N VAL B 69 -11.11 14.81 -12.51
CA VAL B 69 -10.80 14.67 -11.06
C VAL B 69 -12.07 14.22 -10.32
N THR B 70 -11.89 13.42 -9.27
CA THR B 70 -13.02 12.86 -8.48
C THR B 70 -13.72 13.99 -7.75
N ALA B 71 -15.03 14.11 -7.85
CA ALA B 71 -15.82 14.99 -6.99
C ALA B 71 -16.32 14.18 -5.80
N ARG B 72 -16.54 12.87 -5.97
CA ARG B 72 -17.23 12.06 -4.94
C ARG B 72 -16.95 10.58 -5.16
N MET B 73 -16.72 9.87 -4.04
CA MET B 73 -16.59 8.41 -3.95
C MET B 73 -17.61 7.88 -2.92
N HIS B 74 -18.32 6.81 -3.29
CA HIS B 74 -19.30 6.14 -2.41
C HIS B 74 -19.06 4.61 -2.52
N ILE B 75 -18.73 3.95 -1.41
CA ILE B 75 -18.48 2.47 -1.34
C ILE B 75 -19.38 1.88 -0.25
N GLU B 76 -20.11 0.81 -0.58
N GLU B 76 -20.08 0.79 -0.59
N GLU B 76 -20.11 0.81 -0.58
CA GLU B 76 -20.81 -0.05 0.42
CA GLU B 76 -20.84 -0.07 0.37
CA GLU B 76 -20.81 -0.05 0.42
C GLU B 76 -20.20 -1.46 0.35
C GLU B 76 -20.22 -1.47 0.34
C GLU B 76 -20.20 -1.46 0.35
N ILE B 77 -19.77 -1.99 1.49
CA ILE B 77 -19.17 -3.36 1.59
C ILE B 77 -20.09 -4.23 2.45
N TYR B 78 -20.54 -5.34 1.90
CA TYR B 78 -21.35 -6.34 2.64
C TYR B 78 -20.41 -7.32 3.34
N LYS B 79 -19.38 -7.76 2.63
CA LYS B 79 -18.34 -8.67 3.19
C LYS B 79 -16.98 -8.23 2.66
N TYR B 80 -16.02 -8.04 3.56
CA TYR B 80 -14.59 -7.84 3.25
C TYR B 80 -13.97 -9.20 2.91
N PRO B 81 -13.31 -9.37 1.75
CA PRO B 81 -12.70 -10.66 1.43
C PRO B 81 -11.55 -10.99 2.40
N ALA B 82 -11.43 -12.27 2.79
CA ALA B 82 -10.32 -12.76 3.63
C ALA B 82 -9.03 -12.79 2.80
N TRP B 83 -7.91 -12.63 3.50
CA TRP B 83 -6.54 -13.01 3.07
C TRP B 83 -6.54 -14.35 2.28
N GLY B 84 -5.99 -14.33 1.07
CA GLY B 84 -6.02 -15.49 0.15
C GLY B 84 -7.31 -15.64 -0.66
N ASP B 85 -8.42 -14.97 -0.33
CA ASP B 85 -9.64 -15.04 -1.18
C ASP B 85 -9.42 -14.34 -2.54
N VAL B 86 -10.20 -14.75 -3.54
CA VAL B 86 -10.23 -14.14 -4.90
C VAL B 86 -11.48 -13.26 -4.97
N VAL B 87 -11.32 -11.97 -5.27
CA VAL B 87 -12.43 -11.00 -5.51
C VAL B 87 -12.47 -10.66 -7.00
N GLU B 88 -13.65 -10.67 -7.61
CA GLU B 88 -13.79 -10.21 -9.02
C GLU B 88 -14.45 -8.83 -8.94
N ILE B 89 -13.91 -7.87 -9.69
CA ILE B 89 -14.44 -6.49 -9.74
C ILE B 89 -14.78 -6.18 -11.20
N GLU B 90 -16.02 -5.80 -11.44
CA GLU B 90 -16.49 -5.23 -12.74
C GLU B 90 -16.68 -3.71 -12.59
N THR B 91 -16.32 -2.98 -13.64
CA THR B 91 -16.35 -1.49 -13.69
C THR B 91 -16.80 -1.06 -15.07
N TRP B 92 -17.49 0.05 -15.13
CA TRP B 92 -17.97 0.67 -16.37
C TRP B 92 -18.12 2.16 -16.07
N CYS B 93 -18.25 2.95 -17.11
CA CYS B 93 -18.30 4.43 -17.10
C CYS B 93 -19.60 4.84 -17.76
N GLN B 94 -20.11 6.02 -17.44
CA GLN B 94 -21.37 6.55 -18.01
C GLN B 94 -21.23 8.07 -18.06
N SER B 95 -21.78 8.72 -19.07
CA SER B 95 -22.02 10.19 -19.14
C SER B 95 -23.18 10.57 -18.22
N GLU B 96 -23.04 11.69 -17.52
CA GLU B 96 -24.15 12.43 -16.90
C GLU B 96 -24.21 13.79 -17.61
N GLY B 97 -24.52 13.76 -18.90
CA GLY B 97 -24.54 14.97 -19.75
C GLY B 97 -23.30 15.81 -19.52
N ARG B 98 -23.47 17.11 -19.34
CA ARG B 98 -22.32 18.04 -19.25
C ARG B 98 -21.99 18.22 -17.77
N ILE B 99 -22.78 17.59 -16.89
CA ILE B 99 -22.61 17.63 -15.41
C ILE B 99 -21.46 16.68 -15.01
N GLY B 100 -20.79 16.00 -15.97
CA GLY B 100 -19.60 15.16 -15.71
C GLY B 100 -19.72 13.72 -16.22
N THR B 101 -19.10 12.79 -15.47
CA THR B 101 -18.90 11.37 -15.80
C THR B 101 -19.04 10.58 -14.50
N ARG B 102 -19.45 9.30 -14.55
CA ARG B 102 -19.63 8.39 -13.39
C ARG B 102 -18.80 7.13 -13.66
N ARG B 103 -18.04 6.63 -12.68
CA ARG B 103 -17.51 5.27 -12.79
C ARG B 103 -18.15 4.46 -11.67
N ASP B 104 -18.67 3.27 -12.02
CA ASP B 104 -19.31 2.31 -11.09
C ASP B 104 -18.53 0.99 -11.03
N TRP B 105 -18.55 0.34 -9.87
CA TRP B 105 -17.93 -1.00 -9.65
C TRP B 105 -18.91 -1.93 -8.96
N ILE B 106 -18.84 -3.23 -9.26
CA ILE B 106 -19.49 -4.30 -8.47
C ILE B 106 -18.39 -5.26 -8.07
N LEU B 107 -18.33 -5.61 -6.77
N LEU B 107 -18.36 -5.66 -6.79
N LEU B 107 -18.33 -5.61 -6.77
CA LEU B 107 -17.37 -6.60 -6.20
CA LEU B 107 -17.35 -6.60 -6.24
CA LEU B 107 -17.37 -6.60 -6.20
C LEU B 107 -18.11 -7.91 -5.95
C LEU B 107 -18.04 -7.92 -5.88
C LEU B 107 -18.11 -7.91 -5.95
N LYS B 108 -17.55 -9.03 -6.45
CA LYS B 108 -18.11 -10.39 -6.20
C LYS B 108 -17.02 -11.29 -5.58
N ASP B 109 -17.46 -12.23 -4.73
CA ASP B 109 -16.76 -13.48 -4.37
C ASP B 109 -16.66 -14.34 -5.63
N SER B 110 -15.45 -14.58 -6.11
CA SER B 110 -15.18 -15.30 -7.37
C SER B 110 -15.79 -16.70 -7.28
N VAL B 111 -15.58 -17.36 -6.12
CA VAL B 111 -16.04 -18.75 -5.83
C VAL B 111 -17.57 -18.79 -5.83
N THR B 112 -18.23 -18.05 -4.92
CA THR B 112 -19.71 -18.10 -4.74
C THR B 112 -20.44 -17.30 -5.82
N GLY B 113 -19.79 -16.36 -6.50
CA GLY B 113 -20.44 -15.40 -7.42
C GLY B 113 -21.36 -14.37 -6.75
N GLU B 114 -21.45 -14.33 -5.43
CA GLU B 114 -22.30 -13.40 -4.62
C GLU B 114 -21.69 -11.97 -4.63
N VAL B 115 -22.54 -10.91 -4.72
CA VAL B 115 -22.13 -9.47 -4.67
C VAL B 115 -21.73 -9.15 -3.23
N THR B 116 -20.45 -8.83 -3.01
CA THR B 116 -19.87 -8.53 -1.68
C THR B 116 -19.69 -7.02 -1.49
N GLY B 117 -19.81 -6.21 -2.55
CA GLY B 117 -19.71 -4.74 -2.46
C GLY B 117 -20.03 -4.03 -3.75
N ARG B 118 -20.23 -2.73 -3.60
N ARG B 118 -20.28 -2.72 -3.64
N ARG B 118 -20.28 -2.72 -3.64
CA ARG B 118 -20.48 -1.87 -4.83
CA ARG B 118 -20.53 -1.84 -4.81
CA ARG B 118 -20.53 -1.84 -4.81
C ARG B 118 -19.98 -0.41 -4.51
C ARG B 118 -19.97 -0.44 -4.54
C ARG B 118 -19.97 -0.44 -4.54
N ALA B 119 -19.60 0.29 -5.58
CA ALA B 119 -19.10 1.66 -5.46
C ALA B 119 -19.50 2.44 -6.69
N THR B 120 -19.65 3.74 -6.46
CA THR B 120 -19.92 4.75 -7.49
C THR B 120 -19.05 5.96 -7.15
N SER B 121 -18.49 6.60 -8.18
CA SER B 121 -17.62 7.80 -8.11
C SER B 121 -18.10 8.81 -9.15
N LYS B 122 -18.19 10.10 -8.77
CA LYS B 122 -18.52 11.21 -9.69
C LYS B 122 -17.24 11.98 -9.99
N TRP B 123 -17.05 12.28 -11.28
CA TRP B 123 -15.81 12.87 -11.82
C TRP B 123 -16.12 14.17 -12.57
N VAL B 124 -15.37 15.26 -12.34
CA VAL B 124 -15.66 16.57 -13.02
C VAL B 124 -14.45 16.93 -13.90
N MET B 125 -14.71 17.63 -15.00
CA MET B 125 -13.68 18.07 -15.97
C MET B 125 -13.01 19.33 -15.41
N MET B 126 -11.68 19.35 -15.42
CA MET B 126 -10.86 20.45 -14.88
C MET B 126 -9.72 20.73 -15.85
N ASN B 127 -9.48 22.02 -16.13
CA ASN B 127 -8.23 22.47 -16.77
C ASN B 127 -7.11 22.21 -15.76
N GLN B 128 -6.13 21.38 -16.11
CA GLN B 128 -4.88 21.28 -15.31
C GLN B 128 -4.11 22.57 -15.61
N ASP B 129 -3.40 23.13 -14.64
CA ASP B 129 -2.77 24.48 -14.71
C ASP B 129 -3.65 25.47 -13.93
N THR B 130 -4.77 25.92 -14.50
CA THR B 130 -5.69 26.90 -13.87
C THR B 130 -6.55 26.21 -12.80
N ARG B 131 -6.80 24.92 -12.97
CA ARG B 131 -7.59 24.04 -12.05
C ARG B 131 -9.01 24.57 -11.90
N ARG B 132 -9.55 25.16 -12.98
CA ARG B 132 -10.94 25.70 -13.05
C ARG B 132 -11.86 24.59 -13.58
N LEU B 133 -12.87 24.23 -12.79
CA LEU B 133 -13.95 23.27 -13.18
C LEU B 133 -14.64 23.84 -14.41
N GLN B 134 -15.22 22.97 -15.24
CA GLN B 134 -16.05 23.39 -16.40
C GLN B 134 -16.93 22.20 -16.82
N LYS B 135 -17.78 22.43 -17.82
CA LYS B 135 -18.82 21.48 -18.29
C LYS B 135 -18.25 20.69 -19.47
N VAL B 136 -18.57 19.40 -19.54
CA VAL B 136 -17.97 18.44 -20.51
C VAL B 136 -18.43 18.86 -21.91
N SER B 137 -17.46 19.02 -22.83
CA SER B 137 -17.61 19.78 -24.09
C SER B 137 -17.83 18.85 -25.30
N ASP B 138 -19.10 18.54 -25.61
CA ASP B 138 -19.63 18.16 -26.94
C ASP B 138 -18.78 17.05 -27.59
N ASP B 139 -17.63 17.41 -28.19
CA ASP B 139 -16.70 16.49 -28.90
C ASP B 139 -16.14 15.45 -27.92
N VAL B 140 -16.02 15.83 -26.65
CA VAL B 140 -15.55 14.96 -25.53
C VAL B 140 -16.57 13.83 -25.31
N ARG B 141 -17.86 14.17 -25.32
CA ARG B 141 -18.98 13.26 -24.98
C ARG B 141 -19.02 12.12 -26.00
N ASP B 142 -19.07 12.46 -27.30
CA ASP B 142 -19.14 11.51 -28.43
C ASP B 142 -18.00 10.50 -28.30
N GLU B 143 -16.78 10.99 -28.13
CA GLU B 143 -15.53 10.17 -28.07
C GLU B 143 -15.60 9.19 -26.89
N TYR B 144 -16.46 9.49 -25.90
CA TYR B 144 -16.59 8.80 -24.59
C TYR B 144 -17.76 7.80 -24.59
N LEU B 145 -18.84 8.08 -25.33
CA LEU B 145 -20.09 7.27 -25.34
C LEU B 145 -19.89 5.91 -26.01
N VAL B 146 -18.91 5.77 -26.90
CA VAL B 146 -18.63 4.48 -27.63
C VAL B 146 -18.04 3.43 -26.69
N PHE B 147 -17.66 3.81 -25.45
CA PHE B 147 -17.04 2.90 -24.45
C PHE B 147 -17.99 2.67 -23.25
N CYS B 148 -19.14 3.32 -23.25
CA CYS B 148 -20.12 3.35 -22.13
C CYS B 148 -21.45 2.77 -22.58
N PRO B 149 -22.21 2.07 -21.71
CA PRO B 149 -23.54 1.59 -22.04
C PRO B 149 -24.43 2.80 -22.35
N GLN B 150 -25.33 2.65 -23.32
CA GLN B 150 -26.21 3.75 -23.81
C GLN B 150 -27.44 3.86 -22.89
N GLU B 151 -28.06 2.72 -22.58
CA GLU B 151 -29.08 2.55 -21.51
C GLU B 151 -28.42 2.66 -20.13
N PRO B 152 -29.06 3.36 -19.18
CA PRO B 152 -28.47 3.57 -17.86
C PRO B 152 -28.21 2.26 -17.10
N ARG B 153 -27.02 2.18 -16.51
CA ARG B 153 -26.53 1.04 -15.72
C ARG B 153 -25.96 1.58 -14.38
N LEU B 154 -26.62 1.29 -13.25
CA LEU B 154 -26.36 1.96 -11.95
C LEU B 154 -25.96 0.93 -10.86
N ALA B 155 -24.76 1.06 -10.28
CA ALA B 155 -24.40 0.20 -9.12
C ALA B 155 -25.43 0.44 -8.00
N PHE B 156 -25.97 1.66 -7.95
CA PHE B 156 -26.94 2.16 -6.94
C PHE B 156 -28.19 2.69 -7.65
N PRO B 157 -29.11 1.82 -8.08
CA PRO B 157 -30.25 2.26 -8.87
C PRO B 157 -31.44 2.79 -8.04
N GLU B 158 -31.61 2.36 -6.80
CA GLU B 158 -32.73 2.78 -5.90
C GLU B 158 -32.94 4.31 -6.00
N GLU B 159 -34.10 4.77 -6.50
CA GLU B 159 -34.41 6.24 -6.67
C GLU B 159 -34.32 6.87 -5.27
N ASN B 160 -33.53 7.94 -5.15
CA ASN B 160 -33.10 8.61 -3.89
C ASN B 160 -32.44 7.57 -2.96
N ASN B 161 -31.13 7.33 -3.18
CA ASN B 161 -30.26 6.32 -2.51
C ASN B 161 -29.06 7.04 -1.87
N ARG B 162 -28.44 6.42 -0.86
CA ARG B 162 -27.39 7.03 0.02
C ARG B 162 -26.29 7.73 -0.81
N SER B 163 -25.96 7.18 -1.99
CA SER B 163 -24.82 7.59 -2.86
C SER B 163 -24.97 9.04 -3.32
N LEU B 164 -26.19 9.62 -3.20
CA LEU B 164 -26.50 11.00 -3.69
C LEU B 164 -26.97 11.93 -2.56
N LYS B 165 -26.74 11.64 -1.27
CA LYS B 165 -27.18 12.58 -0.19
C LYS B 165 -26.20 13.76 -0.08
N LYS B 166 -26.73 14.96 0.20
CA LYS B 166 -25.97 16.19 0.59
C LYS B 166 -25.29 15.98 1.97
N ILE B 167 -23.99 16.27 2.06
CA ILE B 167 -23.19 16.10 3.32
C ILE B 167 -22.94 17.49 3.91
N PRO B 168 -23.34 17.70 5.18
CA PRO B 168 -23.14 18.97 5.87
C PRO B 168 -21.73 19.17 6.46
N LYS B 169 -21.47 20.38 6.93
CA LYS B 169 -20.10 20.75 7.38
C LYS B 169 -20.10 20.59 8.90
N LEU B 170 -19.28 19.66 9.40
CA LEU B 170 -19.01 19.45 10.84
C LEU B 170 -18.73 20.82 11.45
N GLU B 171 -19.27 21.09 12.62
CA GLU B 171 -19.06 22.38 13.34
C GLU B 171 -18.16 22.14 14.55
N ASP B 172 -17.21 23.03 14.77
CA ASP B 172 -16.35 22.98 15.98
C ASP B 172 -17.25 23.17 17.20
N PRO B 173 -16.96 22.49 18.33
CA PRO B 173 -15.86 21.52 18.41
C PRO B 173 -16.21 20.10 17.90
N ALA B 174 -15.23 19.40 17.31
CA ALA B 174 -15.41 17.98 16.90
C ALA B 174 -15.38 17.09 18.12
N GLN B 175 -16.07 15.94 18.09
CA GLN B 175 -16.00 14.94 19.18
C GLN B 175 -14.59 14.39 19.24
N TYR B 176 -14.03 14.04 18.09
CA TYR B 176 -12.73 13.34 17.97
C TYR B 176 -11.86 14.03 16.92
N SER B 177 -10.52 13.94 17.05
CA SER B 177 -9.60 14.51 16.05
C SER B 177 -8.30 13.73 16.04
N MET B 178 -7.64 13.74 14.89
CA MET B 178 -6.24 13.37 14.65
C MET B 178 -5.59 14.53 13.88
N ILE B 179 -4.61 15.19 14.45
CA ILE B 179 -4.06 16.42 13.82
C ILE B 179 -2.62 16.18 13.32
N GLY B 180 -2.16 17.00 12.38
CA GLY B 180 -0.76 16.96 11.94
C GLY B 180 -0.48 15.80 10.99
N LEU B 181 -1.49 15.18 10.36
CA LEU B 181 -1.36 14.16 9.28
C LEU B 181 -0.65 14.76 8.04
N LYS B 182 0.38 14.06 7.54
CA LYS B 182 1.21 14.52 6.39
C LYS B 182 1.36 13.35 5.42
N PRO B 183 1.26 13.54 4.10
CA PRO B 183 1.54 12.42 3.18
C PRO B 183 3.05 12.20 2.99
N ARG B 184 3.47 10.95 2.80
CA ARG B 184 4.89 10.58 2.53
C ARG B 184 4.95 10.16 1.05
N ARG B 185 6.10 9.75 0.55
CA ARG B 185 6.27 9.51 -0.91
C ARG B 185 5.36 8.34 -1.37
N ALA B 186 5.19 7.31 -0.53
CA ALA B 186 4.30 6.15 -0.77
C ALA B 186 2.86 6.63 -0.98
N ASP B 187 2.48 7.79 -0.46
CA ASP B 187 1.09 8.34 -0.57
C ASP B 187 0.92 9.10 -1.88
N LEU B 188 1.97 9.32 -2.65
CA LEU B 188 1.86 10.09 -3.92
C LEU B 188 1.70 9.11 -5.09
N ASP B 189 0.94 9.49 -6.12
CA ASP B 189 0.80 8.75 -7.42
C ASP B 189 1.97 9.09 -8.31
N MET B 190 1.99 8.55 -9.53
CA MET B 190 3.08 8.69 -10.50
C MET B 190 3.23 10.15 -11.00
N ASN B 191 2.29 11.06 -10.73
CA ASN B 191 2.38 12.49 -11.15
C ASN B 191 2.59 13.39 -9.92
N GLN B 192 2.91 12.79 -8.78
CA GLN B 192 3.38 13.43 -7.51
C GLN B 192 2.20 14.13 -6.80
N HIS B 193 0.98 13.72 -7.14
CA HIS B 193 -0.23 14.16 -6.42
C HIS B 193 -0.56 13.13 -5.34
N VAL B 194 -1.22 13.59 -4.28
CA VAL B 194 -1.63 12.71 -3.17
C VAL B 194 -2.71 11.82 -3.77
N ASN B 195 -2.55 10.51 -3.60
CA ASN B 195 -3.50 9.44 -4.06
C ASN B 195 -4.87 9.68 -3.40
N ASN B 196 -5.94 9.57 -4.19
CA ASN B 196 -7.34 9.68 -3.70
C ASN B 196 -7.54 8.81 -2.46
N VAL B 197 -6.94 7.61 -2.43
CA VAL B 197 -7.15 6.60 -1.33
C VAL B 197 -6.64 7.12 0.01
N THR B 198 -5.51 7.81 0.04
CA THR B 198 -4.85 8.43 1.26
C THR B 198 -5.93 9.17 2.07
N TYR B 199 -6.76 9.93 1.38
CA TYR B 199 -7.77 10.82 2.05
C TYR B 199 -8.77 9.93 2.80
N ILE B 200 -9.05 8.73 2.26
CA ILE B 200 -9.94 7.75 2.94
C ILE B 200 -9.23 7.33 4.24
N GLY B 201 -7.92 7.13 4.22
CA GLY B 201 -7.17 6.75 5.43
C GLY B 201 -7.20 7.86 6.46
N TRP B 202 -7.00 9.12 6.02
CA TRP B 202 -7.00 10.32 6.90
C TRP B 202 -8.38 10.50 7.56
N VAL B 203 -9.49 10.32 6.82
CA VAL B 203 -10.86 10.41 7.42
C VAL B 203 -10.95 9.37 8.54
N LEU B 204 -10.60 8.10 8.27
CA LEU B 204 -10.81 6.98 9.23
C LEU B 204 -9.88 7.09 10.46
N GLU B 205 -8.81 7.86 10.39
CA GLU B 205 -7.83 8.06 11.47
C GLU B 205 -8.47 8.71 12.71
N SER B 206 -9.48 9.57 12.56
CA SER B 206 -10.17 10.19 13.72
C SER B 206 -11.30 9.29 14.26
N ILE B 207 -11.59 8.14 13.65
CA ILE B 207 -12.54 7.16 14.24
C ILE B 207 -11.86 6.51 15.44
N PRO B 208 -12.51 6.49 16.62
CA PRO B 208 -11.93 5.85 17.82
C PRO B 208 -11.60 4.35 17.63
N GLN B 209 -10.55 3.88 18.30
CA GLN B 209 -10.08 2.49 18.12
C GLN B 209 -11.17 1.51 18.62
N GLU B 210 -11.97 1.93 19.59
CA GLU B 210 -13.07 1.13 20.19
C GLU B 210 -14.07 0.77 19.08
N ILE B 211 -14.39 1.73 18.21
CA ILE B 211 -15.37 1.52 17.12
C ILE B 211 -14.74 0.54 16.15
N VAL B 212 -13.50 0.77 15.73
CA VAL B 212 -12.83 -0.09 14.70
C VAL B 212 -12.74 -1.51 15.24
N ASP B 213 -12.53 -1.67 16.55
CA ASP B 213 -12.38 -2.98 17.26
C ASP B 213 -13.71 -3.75 17.35
N THR B 214 -14.85 -3.05 17.45
CA THR B 214 -16.18 -3.65 17.75
C THR B 214 -17.17 -3.54 16.59
N HIS B 215 -16.80 -2.82 15.52
CA HIS B 215 -17.68 -2.52 14.37
C HIS B 215 -16.92 -2.81 13.08
N GLU B 216 -17.65 -3.11 12.02
CA GLU B 216 -17.14 -3.12 10.62
C GLU B 216 -17.70 -1.91 9.87
N LEU B 217 -16.87 -1.28 9.05
CA LEU B 217 -17.30 -0.19 8.13
C LEU B 217 -18.18 -0.75 6.99
N GLN B 218 -19.47 -0.40 6.99
CA GLN B 218 -20.45 -0.81 5.96
C GLN B 218 -20.48 0.22 4.81
N VAL B 219 -20.58 1.54 5.07
CA VAL B 219 -20.73 2.58 4.02
C VAL B 219 -19.76 3.75 4.29
N ILE B 220 -19.13 4.27 3.23
CA ILE B 220 -18.40 5.56 3.27
C ILE B 220 -18.81 6.39 2.06
N THR B 221 -19.14 7.66 2.30
CA THR B 221 -19.29 8.71 1.27
C THR B 221 -18.27 9.80 1.55
N LEU B 222 -17.54 10.22 0.53
CA LEU B 222 -16.50 11.26 0.67
C LEU B 222 -16.57 12.25 -0.51
N ASP B 223 -16.78 13.53 -0.20
CA ASP B 223 -16.65 14.67 -1.16
C ASP B 223 -15.20 15.13 -1.20
N TYR B 224 -14.71 15.43 -2.40
CA TYR B 224 -13.36 15.97 -2.68
C TYR B 224 -13.50 17.43 -3.12
N ARG B 225 -12.99 18.35 -2.29
CA ARG B 225 -13.27 19.79 -2.47
C ARG B 225 -12.02 20.44 -3.04
N ARG B 226 -10.86 20.05 -2.51
CA ARG B 226 -9.53 20.64 -2.86
C ARG B 226 -8.47 19.59 -2.53
N GLU B 227 -7.39 19.55 -3.32
CA GLU B 227 -6.27 18.60 -3.16
C GLU B 227 -5.39 19.00 -1.98
N CYS B 228 -4.73 18.03 -1.36
CA CYS B 228 -3.67 18.27 -0.36
C CYS B 228 -2.35 18.16 -1.13
N GLN B 229 -1.51 19.18 -1.07
CA GLN B 229 -0.22 19.17 -1.79
C GLN B 229 0.71 18.30 -0.97
N GLN B 230 1.85 17.96 -1.55
CA GLN B 230 2.92 17.15 -0.92
C GLN B 230 3.38 17.78 0.40
N ASP B 231 3.28 19.09 0.62
CA ASP B 231 3.87 19.78 1.80
C ASP B 231 2.76 20.41 2.66
N ASP B 232 1.50 20.02 2.45
CA ASP B 232 0.40 20.39 3.36
C ASP B 232 0.34 19.44 4.56
N VAL B 233 -0.31 19.89 5.61
CA VAL B 233 -0.58 19.14 6.87
C VAL B 233 -2.09 19.18 7.06
N VAL B 234 -2.65 18.09 7.58
CA VAL B 234 -4.11 17.88 7.59
C VAL B 234 -4.53 17.52 8.99
N ASP B 235 -5.66 18.08 9.39
CA ASP B 235 -6.43 17.65 10.58
C ASP B 235 -7.68 16.91 10.13
N SER B 236 -7.94 15.79 10.76
CA SER B 236 -9.11 14.91 10.53
C SER B 236 -10.06 14.99 11.76
N LEU B 237 -11.29 15.45 11.53
CA LEU B 237 -12.31 15.71 12.57
C LEU B 237 -13.49 14.74 12.32
N THR B 238 -14.04 14.18 13.38
CA THR B 238 -15.23 13.30 13.39
C THR B 238 -16.16 13.61 14.58
N THR B 239 -17.47 13.54 14.35
CA THR B 239 -18.54 13.59 15.37
C THR B 239 -19.55 12.48 15.11
N THR B 240 -19.91 11.72 16.16
CA THR B 240 -21.01 10.70 16.17
C THR B 240 -22.30 11.44 15.82
N THR B 241 -23.07 11.02 14.82
CA THR B 241 -24.37 11.65 14.44
C THR B 241 -25.52 10.72 14.80
N SER B 242 -25.23 9.46 15.11
CA SER B 242 -26.15 8.56 15.84
C SER B 242 -25.87 8.73 17.36
N ASP B 260 -26.46 0.44 14.73
CA ASP B 260 -25.43 1.00 13.82
C ASP B 260 -24.86 2.28 14.44
N SER B 261 -23.64 2.65 14.05
CA SER B 261 -22.98 3.93 14.40
C SER B 261 -22.77 4.72 13.10
N GLN B 262 -23.02 6.02 13.15
CA GLN B 262 -22.76 6.95 12.06
C GLN B 262 -21.92 8.11 12.58
N PHE B 263 -21.18 8.74 11.64
CA PHE B 263 -20.16 9.77 11.89
C PHE B 263 -20.24 10.77 10.75
N LEU B 264 -20.00 12.03 11.09
CA LEU B 264 -19.75 13.07 10.10
C LEU B 264 -18.24 13.33 10.13
N HIS B 265 -17.63 13.64 8.97
CA HIS B 265 -16.16 13.78 8.81
C HIS B 265 -15.81 15.10 8.15
N LEU B 266 -14.67 15.66 8.57
CA LEU B 266 -14.06 16.82 7.89
C LEU B 266 -12.54 16.66 7.97
N LEU B 267 -11.90 16.80 6.82
CA LEU B 267 -10.44 16.93 6.63
C LEU B 267 -10.23 18.41 6.29
N ARG B 268 -9.28 19.07 6.94
CA ARG B 268 -9.02 20.51 6.67
C ARG B 268 -7.54 20.81 6.88
N LEU B 269 -7.00 21.78 6.14
CA LEU B 269 -5.58 22.16 6.27
C LEU B 269 -5.32 22.64 7.71
N SER B 270 -4.18 22.21 8.27
CA SER B 270 -3.86 22.29 9.72
C SER B 270 -3.78 23.73 10.23
N GLY B 271 -3.44 24.68 9.36
CA GLY B 271 -3.23 26.10 9.68
C GLY B 271 -4.52 26.89 9.55
N ASP B 272 -4.72 27.49 8.38
CA ASP B 272 -5.93 28.26 7.98
C ASP B 272 -7.23 27.43 8.10
N GLY B 273 -7.19 26.08 8.16
CA GLY B 273 -8.42 25.26 8.25
C GLY B 273 -9.28 25.23 6.97
N GLN B 274 -8.65 25.49 5.83
CA GLN B 274 -9.21 25.23 4.48
C GLN B 274 -9.74 23.77 4.40
N GLU B 275 -11.03 23.62 4.04
CA GLU B 275 -11.70 22.31 3.81
C GLU B 275 -11.06 21.65 2.59
N ILE B 276 -10.58 20.41 2.74
CA ILE B 276 -10.21 19.58 1.56
C ILE B 276 -11.22 18.45 1.33
N ASN B 277 -11.87 17.93 2.35
CA ASN B 277 -12.84 16.81 2.19
C ASN B 277 -13.92 16.88 3.26
N ARG B 278 -15.14 16.41 2.96
CA ARG B 278 -16.13 16.01 3.99
C ARG B 278 -16.75 14.65 3.63
N GLY B 279 -17.33 13.97 4.61
CA GLY B 279 -17.85 12.61 4.43
C GLY B 279 -18.68 12.16 5.60
N THR B 280 -19.31 11.00 5.44
CA THR B 280 -20.10 10.26 6.45
C THR B 280 -19.66 8.78 6.40
N THR B 281 -19.65 8.10 7.53
CA THR B 281 -19.39 6.63 7.59
C THR B 281 -20.54 6.00 8.40
N LEU B 282 -20.95 4.80 8.04
CA LEU B 282 -21.90 3.95 8.80
C LEU B 282 -21.19 2.63 9.16
N TRP B 283 -21.34 2.19 10.41
CA TRP B 283 -20.62 1.00 10.91
C TRP B 283 -21.65 0.09 11.55
N ARG B 284 -21.49 -1.22 11.33
CA ARG B 284 -22.35 -2.28 11.92
C ARG B 284 -21.54 -2.95 13.03
N LYS B 285 -22.16 -3.25 14.17
CA LYS B 285 -21.63 -4.19 15.20
C LYS B 285 -21.31 -5.53 14.53
N LYS B 286 -20.15 -6.11 14.85
CA LYS B 286 -19.57 -7.33 14.22
C LYS B 286 -20.51 -8.53 14.41
C8 OHP C . 8.92 -9.38 5.82
C7 OHP C . 10.06 -9.05 4.86
C3 OHP C . 10.62 -7.67 5.07
C4 OHP C . 11.56 -7.45 6.08
C5 OHP C . 12.09 -6.18 6.29
C6 OHP C . 11.70 -5.12 5.49
C1 OHP C . 10.77 -5.32 4.49
C2 OHP C . 10.24 -6.59 4.29
O2 OHP C . 11.95 -8.49 6.87
O9 OHP C . 8.45 -10.51 5.77
O10 OHP C . 8.53 -8.48 6.59
S SO4 D . 12.20 -16.77 8.48
O1 SO4 D . 13.62 -16.65 8.26
O2 SO4 D . 11.78 -18.13 8.27
O3 SO4 D . 11.91 -16.35 9.83
O4 SO4 D . 11.51 -15.91 7.54
C8 OHP E . -9.82 6.16 -8.33
C7 OHP E . -10.78 5.40 -7.41
C3 OHP E . -10.97 6.08 -6.09
C4 OHP E . -11.49 7.36 -6.03
C5 OHP E . -11.70 7.99 -4.80
C6 OHP E . -11.35 7.34 -3.63
C1 OHP E . -10.82 6.08 -3.67
C2 OHP E . -10.63 5.45 -4.89
O2 OHP E . -11.85 8.00 -7.19
O9 OHP E . -9.85 5.90 -9.54
O10 OHP E . -9.08 7.02 -7.83
S SO4 F . -13.74 8.31 -15.85
O1 SO4 F . -13.22 9.53 -15.33
O2 SO4 F . -12.89 7.21 -15.50
O3 SO4 F . -15.05 8.07 -15.29
O4 SO4 F . -13.82 8.40 -17.28
#